data_3HCU
#
_entry.id   3HCU
#
_cell.length_a   130.493
_cell.length_b   41.387
_cell.length_c   123.745
_cell.angle_alpha   90.00
_cell.angle_beta   116.20
_cell.angle_gamma   90.00
#
_symmetry.space_group_name_H-M   'C 1 2 1'
#
loop_
_entity.id
_entity.type
_entity.pdbx_description
1 polymer 'TNF receptor-associated factor 6'
2 polymer 'Ubiquitin-conjugating enzyme E2 N'
3 non-polymer 'ZINC ION'
4 water water
#
loop_
_entity_poly.entity_id
_entity_poly.type
_entity_poly.pdbx_seq_one_letter_code
_entity_poly.pdbx_strand_id
1 'polypeptide(L)'
;MEEIQGYDVEFDPPLESKYECPICLMALREAVQTPCGHRFCKACIIKSIRDAGHKCPVDNEILLENQLFPDNFAKREILS
LMVKCPNEGCLHKMELRHLEDHQAHCEFALLEHHHHHH
;
A,C
2 'polypeptide(L)'
;GSHMAGLPRRIIKETQRLLAEPVPGIKAEPDESNARYFHVVIAGPQDSPFEGGTFKLELFLPEEYPMAAPKVRFMTKIYH
PNVDKLGRICLDILKDKWSPALQIRTVLLSIQALLSAPNPDDPLANDVAEQWKTNEAQAIETARAWTRLYAMNNI
;
B,D
#
# COMPACT_ATOMS: atom_id res chain seq x y z
N GLN A 5 -35.99 -6.40 -6.88
CA GLN A 5 -37.37 -6.89 -7.13
C GLN A 5 -37.69 -8.24 -6.45
N GLY A 6 -36.89 -8.62 -5.46
CA GLY A 6 -37.19 -9.85 -4.75
C GLY A 6 -38.18 -9.48 -3.67
N TYR A 7 -38.34 -10.29 -2.63
CA TYR A 7 -39.28 -9.94 -1.55
C TYR A 7 -38.52 -9.14 -0.51
N ASP A 8 -38.77 -7.84 -0.48
CA ASP A 8 -38.14 -6.93 0.46
C ASP A 8 -38.94 -7.00 1.77
N VAL A 9 -38.66 -7.98 2.61
CA VAL A 9 -39.38 -8.14 3.86
C VAL A 9 -38.51 -8.75 4.95
N GLU A 10 -38.94 -8.60 6.20
CA GLU A 10 -38.16 -9.21 7.26
C GLU A 10 -38.60 -10.65 7.39
N PHE A 11 -37.65 -11.56 7.31
CA PHE A 11 -37.94 -12.97 7.45
C PHE A 11 -37.53 -13.36 8.87
N ASP A 12 -38.47 -13.83 9.68
CA ASP A 12 -38.12 -14.22 11.04
C ASP A 12 -38.66 -15.61 11.28
N PRO A 13 -37.77 -16.60 11.46
CA PRO A 13 -36.30 -16.52 11.46
C PRO A 13 -35.76 -15.79 10.24
N PRO A 14 -34.53 -15.24 10.34
CA PRO A 14 -33.95 -14.54 9.19
C PRO A 14 -33.91 -15.43 7.96
N LEU A 15 -33.85 -14.83 6.78
CA LEU A 15 -33.80 -15.57 5.50
C LEU A 15 -32.50 -16.35 5.40
N GLU A 16 -32.55 -17.58 4.93
CA GLU A 16 -31.32 -18.36 4.77
C GLU A 16 -30.68 -17.89 3.47
N SER A 17 -29.36 -17.70 3.50
CA SER A 17 -28.61 -17.21 2.34
C SER A 17 -28.79 -18.01 1.04
N LYS A 18 -29.21 -19.27 1.13
CA LYS A 18 -29.39 -20.04 -0.10
C LYS A 18 -30.56 -19.45 -0.93
N TYR A 19 -31.53 -18.87 -0.23
CA TYR A 19 -32.70 -18.25 -0.85
C TYR A 19 -32.54 -16.76 -1.15
N GLU A 20 -31.33 -16.23 -0.98
CA GLU A 20 -31.12 -14.82 -1.25
C GLU A 20 -30.62 -14.66 -2.67
N CYS A 21 -31.14 -13.64 -3.34
CA CYS A 21 -30.77 -13.36 -4.70
C CYS A 21 -29.44 -12.60 -4.72
N PRO A 22 -28.44 -13.12 -5.46
CA PRO A 22 -27.15 -12.45 -5.53
C PRO A 22 -27.29 -11.05 -6.12
N ILE A 23 -28.25 -10.88 -7.01
CA ILE A 23 -28.43 -9.60 -7.65
C ILE A 23 -29.22 -8.53 -6.91
N CYS A 24 -30.23 -8.91 -6.13
CA CYS A 24 -30.98 -7.88 -5.40
C CYS A 24 -30.93 -8.05 -3.87
N LEU A 25 -30.35 -9.16 -3.42
CA LEU A 25 -30.20 -9.45 -1.99
C LEU A 25 -31.51 -9.54 -1.20
N MET A 26 -32.55 -10.00 -1.88
CA MET A 26 -33.86 -10.18 -1.27
C MET A 26 -34.22 -11.65 -1.45
N ALA A 27 -35.27 -12.12 -0.79
CA ALA A 27 -35.64 -13.53 -0.98
C ALA A 27 -36.02 -13.75 -2.46
N LEU A 28 -35.58 -14.85 -3.05
CA LEU A 28 -35.88 -15.11 -4.47
C LEU A 28 -37.37 -15.00 -4.82
N ARG A 29 -37.70 -14.13 -5.78
CA ARG A 29 -39.07 -13.95 -6.24
C ARG A 29 -39.18 -14.66 -7.60
N GLU A 30 -40.01 -15.71 -7.64
CA GLU A 30 -40.19 -16.52 -8.84
C GLU A 30 -38.83 -17.18 -9.11
N ALA A 31 -38.36 -17.93 -8.11
CA ALA A 31 -37.06 -18.59 -8.21
C ALA A 31 -36.82 -19.40 -9.49
N VAL A 32 -35.63 -19.21 -10.04
CA VAL A 32 -35.20 -19.92 -11.22
C VAL A 32 -33.75 -20.35 -11.01
N GLN A 33 -33.35 -21.44 -11.66
CA GLN A 33 -31.99 -21.91 -11.51
C GLN A 33 -31.27 -21.99 -12.86
N THR A 34 -29.99 -21.66 -12.83
CA THR A 34 -29.20 -21.67 -14.03
C THR A 34 -28.52 -23.02 -14.25
N PRO A 35 -28.13 -23.33 -15.49
CA PRO A 35 -27.47 -24.62 -15.73
C PRO A 35 -26.33 -24.81 -14.74
N CYS A 36 -25.63 -23.72 -14.46
CA CYS A 36 -24.49 -23.74 -13.55
C CYS A 36 -24.89 -23.87 -12.08
N GLY A 37 -26.20 -24.01 -11.81
CA GLY A 37 -26.66 -24.19 -10.46
C GLY A 37 -26.90 -23.02 -9.52
N HIS A 38 -26.98 -21.81 -10.05
CA HIS A 38 -27.23 -20.66 -9.21
C HIS A 38 -28.66 -20.21 -9.33
N ARG A 39 -29.15 -19.61 -8.25
CA ARG A 39 -30.53 -19.14 -8.19
C ARG A 39 -30.61 -17.61 -8.17
N PHE A 40 -31.66 -17.10 -8.80
CA PHE A 40 -31.93 -15.68 -8.89
C PHE A 40 -33.44 -15.49 -8.86
N CYS A 41 -33.87 -14.24 -8.83
CA CYS A 41 -35.31 -13.97 -8.97
C CYS A 41 -35.45 -14.00 -10.49
N LYS A 42 -36.47 -14.67 -11.00
CA LYS A 42 -36.74 -14.75 -12.44
C LYS A 42 -36.48 -13.41 -13.14
N ALA A 43 -36.92 -12.31 -12.53
CA ALA A 43 -36.75 -10.98 -13.12
C ALA A 43 -35.36 -10.42 -13.00
N CYS A 44 -34.57 -10.91 -12.06
CA CYS A 44 -33.23 -10.36 -11.92
C CYS A 44 -32.21 -10.94 -12.90
N ILE A 45 -32.26 -12.24 -13.16
CA ILE A 45 -31.28 -12.79 -14.07
C ILE A 45 -31.61 -12.39 -15.51
N ILE A 46 -32.87 -12.08 -15.78
CA ILE A 46 -33.24 -11.63 -17.12
C ILE A 46 -32.64 -10.21 -17.27
N LYS A 47 -32.74 -9.41 -16.22
CA LYS A 47 -32.22 -8.05 -16.25
C LYS A 47 -30.71 -8.04 -16.38
N SER A 48 -30.07 -9.07 -15.83
CA SER A 48 -28.63 -9.16 -15.89
C SER A 48 -28.19 -9.69 -17.26
N ILE A 49 -28.99 -10.59 -17.83
CA ILE A 49 -28.68 -11.16 -19.13
C ILE A 49 -28.86 -10.13 -20.23
N ARG A 50 -29.91 -9.34 -20.11
CA ARG A 50 -30.24 -8.34 -21.11
C ARG A 50 -29.32 -7.13 -21.15
N ASP A 51 -28.67 -6.82 -20.05
CA ASP A 51 -27.76 -5.69 -20.05
C ASP A 51 -26.61 -5.84 -19.08
N ALA A 52 -25.89 -6.94 -19.21
CA ALA A 52 -24.74 -7.23 -18.37
C ALA A 52 -24.00 -8.37 -19.05
N GLY A 53 -24.70 -9.03 -19.96
CA GLY A 53 -24.11 -10.13 -20.69
C GLY A 53 -24.88 -11.42 -20.52
N HIS A 54 -24.64 -12.35 -21.44
CA HIS A 54 -25.29 -13.64 -21.38
C HIS A 54 -24.37 -14.56 -20.61
N LYS A 55 -24.01 -14.14 -19.42
CA LYS A 55 -23.18 -14.91 -18.51
C LYS A 55 -23.82 -14.92 -17.13
N CYS A 56 -23.51 -15.93 -16.34
CA CYS A 56 -24.08 -15.98 -15.00
C CYS A 56 -23.24 -15.00 -14.19
N PRO A 57 -23.89 -14.07 -13.49
CA PRO A 57 -23.11 -13.11 -12.71
C PRO A 57 -22.23 -13.76 -11.64
N VAL A 58 -22.62 -14.93 -11.15
CA VAL A 58 -21.83 -15.59 -10.13
C VAL A 58 -20.50 -16.17 -10.57
N ASP A 59 -20.33 -16.45 -11.86
CA ASP A 59 -19.08 -17.06 -12.31
C ASP A 59 -18.72 -16.78 -13.78
N ASN A 60 -19.41 -15.82 -14.38
CA ASN A 60 -19.17 -15.44 -15.76
C ASN A 60 -19.31 -16.55 -16.79
N GLU A 61 -19.95 -17.64 -16.39
CA GLU A 61 -20.17 -18.77 -17.28
C GLU A 61 -21.33 -18.43 -18.23
N ILE A 62 -21.20 -18.79 -19.50
CA ILE A 62 -22.24 -18.50 -20.47
C ILE A 62 -23.58 -18.92 -19.91
N LEU A 63 -24.59 -18.06 -20.03
CA LEU A 63 -25.90 -18.38 -19.49
C LEU A 63 -27.05 -18.52 -20.49
N LEU A 64 -27.47 -17.44 -21.13
CA LEU A 64 -28.57 -17.56 -22.10
C LEU A 64 -29.92 -17.67 -21.40
N GLU A 65 -30.86 -16.84 -21.82
CA GLU A 65 -32.19 -16.77 -21.25
C GLU A 65 -33.09 -18.00 -21.25
N ASN A 66 -32.90 -18.89 -22.22
CA ASN A 66 -33.74 -20.09 -22.31
C ASN A 66 -33.22 -21.22 -21.42
N GLN A 67 -32.36 -20.89 -20.47
CA GLN A 67 -31.79 -21.88 -19.56
C GLN A 67 -32.05 -21.50 -18.10
N LEU A 68 -33.24 -20.98 -17.83
CA LEU A 68 -33.62 -20.60 -16.49
C LEU A 68 -34.71 -21.58 -16.10
N PHE A 69 -34.37 -22.54 -15.25
CA PHE A 69 -35.36 -23.53 -14.81
C PHE A 69 -36.13 -23.06 -13.57
N PRO A 70 -37.46 -23.19 -13.59
CA PRO A 70 -38.21 -22.76 -12.41
C PRO A 70 -37.74 -23.54 -11.20
N ASP A 71 -37.35 -22.86 -10.14
CA ASP A 71 -36.96 -23.59 -8.95
C ASP A 71 -38.22 -23.69 -8.08
N ASN A 72 -39.08 -24.63 -8.47
CA ASN A 72 -40.33 -24.89 -7.78
C ASN A 72 -40.15 -25.32 -6.33
N PHE A 73 -39.03 -25.95 -5.98
CA PHE A 73 -38.86 -26.34 -4.59
C PHE A 73 -38.61 -25.09 -3.76
N ALA A 74 -37.74 -24.21 -4.26
CA ALA A 74 -37.40 -22.94 -3.60
C ALA A 74 -38.60 -21.99 -3.50
N LYS A 75 -39.36 -21.89 -4.59
CA LYS A 75 -40.52 -21.01 -4.62
C LYS A 75 -41.50 -21.47 -3.54
N ARG A 76 -41.68 -22.78 -3.44
CA ARG A 76 -42.60 -23.36 -2.48
C ARG A 76 -42.23 -23.13 -1.03
N GLU A 77 -40.97 -23.38 -0.70
CA GLU A 77 -40.55 -23.19 0.67
C GLU A 77 -40.30 -21.73 1.12
N ILE A 78 -40.03 -20.85 0.17
CA ILE A 78 -39.83 -19.44 0.48
C ILE A 78 -41.21 -18.83 0.82
N LEU A 79 -42.25 -19.29 0.11
CA LEU A 79 -43.61 -18.81 0.30
C LEU A 79 -44.26 -19.33 1.58
N SER A 80 -43.63 -20.34 2.17
CA SER A 80 -44.13 -20.91 3.40
C SER A 80 -43.39 -20.33 4.61
N LEU A 81 -42.48 -19.40 4.35
CA LEU A 81 -41.69 -18.77 5.41
C LEU A 81 -42.48 -17.69 6.17
N MET A 82 -42.17 -17.51 7.46
CA MET A 82 -42.83 -16.48 8.27
C MET A 82 -42.19 -15.12 8.00
N VAL A 83 -43.02 -14.12 7.76
CA VAL A 83 -42.50 -12.80 7.47
C VAL A 83 -43.28 -11.74 8.26
N LYS A 84 -42.82 -10.50 8.22
CA LYS A 84 -43.49 -9.40 8.91
C LYS A 84 -43.98 -8.39 7.89
N CYS A 85 -45.07 -7.71 8.19
CA CYS A 85 -45.59 -6.74 7.25
C CYS A 85 -44.53 -5.66 7.01
N PRO A 86 -44.24 -5.37 5.74
CA PRO A 86 -43.23 -4.36 5.44
C PRO A 86 -43.82 -2.94 5.31
N ASN A 87 -44.93 -2.69 6.00
CA ASN A 87 -45.58 -1.38 5.96
C ASN A 87 -45.15 -0.44 7.07
N GLU A 88 -44.03 -0.79 7.71
CA GLU A 88 -43.47 0.03 8.78
C GLU A 88 -44.52 0.58 9.73
N GLY A 89 -44.55 0.02 10.94
CA GLY A 89 -45.53 0.43 11.92
C GLY A 89 -46.39 -0.77 12.20
N CYS A 90 -46.81 -1.45 11.14
CA CYS A 90 -47.63 -2.64 11.32
C CYS A 90 -46.79 -3.69 12.00
N LEU A 91 -47.44 -4.52 12.81
CA LEU A 91 -46.75 -5.55 13.56
C LEU A 91 -47.34 -6.94 13.28
N HIS A 92 -47.84 -7.12 12.06
CA HIS A 92 -48.42 -8.39 11.62
C HIS A 92 -47.37 -9.34 11.05
N LYS A 93 -47.56 -10.63 11.31
CA LYS A 93 -46.65 -11.65 10.81
C LYS A 93 -47.45 -12.85 10.29
N MET A 94 -47.05 -13.39 9.14
CA MET A 94 -47.73 -14.54 8.53
C MET A 94 -46.85 -15.25 7.50
N GLU A 95 -47.36 -16.32 6.91
CA GLU A 95 -46.63 -17.06 5.87
C GLU A 95 -46.50 -16.10 4.67
N LEU A 96 -45.29 -15.97 4.11
CA LEU A 96 -45.09 -15.06 2.99
C LEU A 96 -46.16 -15.21 1.92
N ARG A 97 -46.56 -16.46 1.68
CA ARG A 97 -47.59 -16.79 0.70
C ARG A 97 -48.85 -15.96 0.92
N HIS A 98 -49.10 -15.56 2.15
CA HIS A 98 -50.30 -14.78 2.42
C HIS A 98 -50.08 -13.27 2.60
N LEU A 99 -48.83 -12.83 2.66
CA LEU A 99 -48.58 -11.41 2.86
C LEU A 99 -49.50 -10.56 2.00
N GLU A 100 -49.46 -10.82 0.70
CA GLU A 100 -50.24 -10.08 -0.28
C GLU A 100 -51.71 -9.90 0.12
N ASP A 101 -52.35 -10.99 0.51
CA ASP A 101 -53.75 -10.96 0.91
C ASP A 101 -53.93 -9.99 2.09
N HIS A 102 -53.08 -10.13 3.09
CA HIS A 102 -53.12 -9.26 4.25
C HIS A 102 -53.10 -7.77 3.84
N GLN A 103 -52.33 -7.45 2.81
CA GLN A 103 -52.21 -6.07 2.34
C GLN A 103 -53.55 -5.37 2.15
N ALA A 104 -54.52 -6.10 1.60
CA ALA A 104 -55.84 -5.53 1.37
C ALA A 104 -56.53 -5.13 2.66
N HIS A 105 -55.89 -5.42 3.79
CA HIS A 105 -56.46 -5.13 5.09
C HIS A 105 -55.46 -4.49 6.08
N CYS A 106 -54.47 -3.76 5.57
CA CYS A 106 -53.48 -3.15 6.47
C CYS A 106 -53.88 -1.76 6.96
N GLU A 107 -53.55 -1.46 8.20
CA GLU A 107 -53.86 -0.17 8.79
C GLU A 107 -52.90 0.85 8.20
N PHE A 108 -51.73 0.36 7.80
CA PHE A 108 -50.73 1.21 7.21
C PHE A 108 -50.68 0.82 5.74
N ALA A 109 -50.76 1.78 4.82
CA ALA A 109 -50.73 1.42 3.41
C ALA A 109 -50.82 2.56 2.38
N LEU A 110 -51.69 2.36 1.39
CA LEU A 110 -51.87 3.31 0.29
C LEU A 110 -52.58 4.63 0.59
N GLY B 6 -34.63 6.60 0.55
CA GLY B 6 -34.39 7.29 -0.76
C GLY B 6 -33.37 6.58 -1.62
N LEU B 7 -32.50 5.79 -0.98
CA LEU B 7 -31.49 5.05 -1.73
C LEU B 7 -31.87 3.57 -1.86
N PRO B 8 -31.66 2.99 -3.06
CA PRO B 8 -31.98 1.59 -3.32
C PRO B 8 -31.73 0.65 -2.14
N ARG B 9 -32.59 -0.36 -2.02
CA ARG B 9 -32.53 -1.35 -0.96
C ARG B 9 -31.24 -2.16 -1.00
N ARG B 10 -30.80 -2.47 -2.21
CA ARG B 10 -29.58 -3.25 -2.41
C ARG B 10 -28.41 -2.54 -1.72
N ILE B 11 -28.28 -1.24 -1.96
CA ILE B 11 -27.21 -0.48 -1.34
C ILE B 11 -27.41 -0.40 0.16
N ILE B 12 -28.65 -0.15 0.58
CA ILE B 12 -29.00 -0.06 2.00
C ILE B 12 -28.69 -1.34 2.75
N LYS B 13 -29.10 -2.47 2.18
CA LYS B 13 -28.86 -3.76 2.82
C LYS B 13 -27.37 -4.09 2.81
N GLU B 14 -26.71 -3.90 1.66
CA GLU B 14 -25.29 -4.23 1.56
C GLU B 14 -24.46 -3.44 2.56
N THR B 15 -24.83 -2.18 2.78
CA THR B 15 -24.13 -1.32 3.73
C THR B 15 -24.17 -1.89 5.15
N GLN B 16 -25.37 -2.22 5.63
CA GLN B 16 -25.56 -2.77 6.96
C GLN B 16 -24.65 -3.98 7.22
N ARG B 17 -24.51 -4.85 6.23
CA ARG B 17 -23.69 -6.05 6.35
C ARG B 17 -22.19 -5.74 6.52
N LEU B 18 -21.73 -4.68 5.87
CA LEU B 18 -20.31 -4.32 5.97
C LEU B 18 -20.02 -3.76 7.35
N LEU B 19 -20.85 -2.80 7.76
CA LEU B 19 -20.72 -2.18 9.06
C LEU B 19 -20.91 -3.26 10.12
N ALA B 20 -21.74 -4.24 9.81
CA ALA B 20 -22.00 -5.34 10.74
C ALA B 20 -20.82 -6.29 10.82
N GLU B 21 -20.43 -6.86 9.68
CA GLU B 21 -19.31 -7.79 9.65
C GLU B 21 -18.22 -7.20 8.78
N PRO B 22 -17.54 -6.14 9.25
CA PRO B 22 -16.46 -5.46 8.52
C PRO B 22 -15.34 -6.40 8.11
N VAL B 23 -14.75 -6.10 6.96
CA VAL B 23 -13.65 -6.90 6.44
C VAL B 23 -12.42 -6.63 7.28
N PRO B 24 -11.67 -7.68 7.64
CA PRO B 24 -10.47 -7.47 8.46
C PRO B 24 -9.43 -6.57 7.77
N GLY B 25 -8.89 -5.64 8.54
CA GLY B 25 -7.89 -4.73 8.01
C GLY B 25 -8.46 -3.59 7.21
N ILE B 26 -9.79 -3.53 7.13
CA ILE B 26 -10.46 -2.48 6.38
C ILE B 26 -11.60 -1.85 7.16
N LYS B 27 -11.65 -0.52 7.12
CA LYS B 27 -12.66 0.26 7.81
C LYS B 27 -13.35 1.07 6.74
N ALA B 28 -14.67 0.96 6.65
CA ALA B 28 -15.42 1.69 5.64
C ALA B 28 -16.81 2.09 6.11
N GLU B 29 -17.14 3.36 5.95
CA GLU B 29 -18.43 3.88 6.35
C GLU B 29 -19.00 4.78 5.26
N PRO B 30 -20.32 4.85 5.17
CA PRO B 30 -20.92 5.69 4.14
C PRO B 30 -20.70 7.17 4.46
N ASP B 31 -20.92 8.02 3.46
CA ASP B 31 -20.76 9.45 3.62
C ASP B 31 -21.92 9.93 4.47
N GLU B 32 -21.62 10.67 5.53
CA GLU B 32 -22.64 11.19 6.43
C GLU B 32 -23.50 12.22 5.70
N SER B 33 -23.21 12.40 4.40
CA SER B 33 -23.91 13.36 3.55
C SER B 33 -24.40 12.79 2.22
N ASN B 34 -24.00 11.56 1.90
CA ASN B 34 -24.41 10.91 0.65
C ASN B 34 -23.96 9.44 0.65
N ALA B 35 -24.90 8.55 0.91
CA ALA B 35 -24.62 7.12 0.99
C ALA B 35 -23.90 6.50 -0.20
N ARG B 36 -24.03 7.10 -1.37
CA ARG B 36 -23.38 6.58 -2.56
C ARG B 36 -21.86 6.70 -2.43
N TYR B 37 -21.42 7.46 -1.44
CA TYR B 37 -19.99 7.64 -1.21
C TYR B 37 -19.56 6.94 0.07
N PHE B 38 -18.36 6.38 0.05
CA PHE B 38 -17.82 5.69 1.21
C PHE B 38 -16.41 6.15 1.49
N HIS B 39 -16.08 6.15 2.78
CA HIS B 39 -14.76 6.55 3.24
C HIS B 39 -14.10 5.30 3.74
N VAL B 40 -13.10 4.87 3.00
CA VAL B 40 -12.39 3.65 3.28
C VAL B 40 -10.98 3.86 3.79
N VAL B 41 -10.57 3.03 4.73
CA VAL B 41 -9.22 3.08 5.26
C VAL B 41 -8.75 1.63 5.26
N ILE B 42 -7.67 1.37 4.54
CA ILE B 42 -7.12 0.02 4.44
C ILE B 42 -5.74 0.03 5.04
N ALA B 43 -5.53 -0.87 6.00
CA ALA B 43 -4.25 -0.99 6.67
C ALA B 43 -3.27 -1.75 5.77
N GLY B 44 -2.09 -1.19 5.58
CA GLY B 44 -1.10 -1.85 4.74
C GLY B 44 -0.83 -3.28 5.18
N PRO B 45 -0.94 -4.25 4.26
CA PRO B 45 -0.69 -5.66 4.58
C PRO B 45 0.68 -5.89 5.23
N GLN B 46 0.80 -6.97 6.00
CA GLN B 46 2.05 -7.28 6.66
C GLN B 46 2.99 -8.01 5.70
N ASP B 47 4.28 -7.78 5.87
CA ASP B 47 5.28 -8.39 5.01
C ASP B 47 5.27 -7.76 3.62
N SER B 48 4.28 -6.91 3.38
CA SER B 48 4.17 -6.20 2.12
C SER B 48 4.92 -4.89 2.27
N PRO B 49 5.28 -4.25 1.15
CA PRO B 49 6.02 -2.98 1.16
C PRO B 49 5.28 -1.87 1.91
N PHE B 50 3.97 -2.03 2.03
CA PHE B 50 3.13 -1.02 2.67
C PHE B 50 2.84 -1.34 4.11
N GLU B 51 3.65 -2.22 4.68
CA GLU B 51 3.51 -2.62 6.06
C GLU B 51 3.62 -1.39 6.97
N GLY B 52 2.63 -1.23 7.83
CA GLY B 52 2.64 -0.13 8.78
C GLY B 52 2.12 1.21 8.29
N GLY B 53 1.24 1.20 7.31
CA GLY B 53 0.70 2.44 6.80
C GLY B 53 -0.80 2.41 6.77
N THR B 54 -1.42 3.58 6.89
CA THR B 54 -2.86 3.68 6.86
C THR B 54 -3.29 4.40 5.58
N PHE B 55 -3.93 3.67 4.67
CA PHE B 55 -4.36 4.24 3.38
C PHE B 55 -5.83 4.65 3.31
N LYS B 56 -6.10 5.84 2.78
CA LYS B 56 -7.48 6.30 2.64
C LYS B 56 -7.95 6.18 1.18
N LEU B 57 -9.15 5.66 0.97
CA LEU B 57 -9.69 5.53 -0.38
C LEU B 57 -11.11 6.05 -0.39
N GLU B 58 -11.58 6.46 -1.55
CA GLU B 58 -12.94 6.92 -1.65
C GLU B 58 -13.64 6.02 -2.66
N LEU B 59 -14.72 5.39 -2.22
CA LEU B 59 -15.49 4.51 -3.09
C LEU B 59 -16.84 5.16 -3.33
N PHE B 60 -17.24 5.22 -4.59
CA PHE B 60 -18.50 5.83 -4.98
C PHE B 60 -19.32 4.86 -5.83
N LEU B 61 -20.62 4.76 -5.54
CA LEU B 61 -21.53 3.86 -6.24
C LEU B 61 -22.38 4.56 -7.28
N PRO B 62 -22.09 4.36 -8.57
CA PRO B 62 -22.85 4.99 -9.64
C PRO B 62 -24.33 4.67 -9.52
N GLU B 63 -25.16 5.37 -10.28
CA GLU B 63 -26.60 5.13 -10.22
C GLU B 63 -26.95 3.79 -10.83
N GLU B 64 -26.15 3.34 -11.80
CA GLU B 64 -26.37 2.07 -12.48
C GLU B 64 -25.91 0.86 -11.67
N TYR B 65 -25.32 1.10 -10.50
CA TYR B 65 -24.86 0.03 -9.61
C TYR B 65 -26.10 -0.76 -9.21
N PRO B 66 -26.02 -2.10 -9.08
CA PRO B 66 -24.88 -3.00 -9.24
C PRO B 66 -24.60 -3.44 -10.66
N MET B 67 -25.26 -2.83 -11.63
CA MET B 67 -24.98 -3.21 -13.01
C MET B 67 -23.63 -2.61 -13.41
N ALA B 68 -23.36 -1.38 -12.96
CA ALA B 68 -22.08 -0.75 -13.23
C ALA B 68 -21.22 -0.87 -11.96
N ALA B 69 -19.92 -1.03 -12.13
CA ALA B 69 -19.00 -1.16 -10.99
C ALA B 69 -18.79 0.07 -10.14
N PRO B 70 -18.39 -0.14 -8.87
CA PRO B 70 -18.14 0.94 -7.93
C PRO B 70 -16.83 1.62 -8.29
N LYS B 71 -16.80 2.94 -8.34
CA LYS B 71 -15.53 3.60 -8.66
C LYS B 71 -14.75 3.81 -7.35
N VAL B 72 -13.49 3.41 -7.34
CA VAL B 72 -12.68 3.54 -6.15
C VAL B 72 -11.37 4.25 -6.46
N ARG B 73 -10.88 5.04 -5.51
CA ARG B 73 -9.62 5.69 -5.71
C ARG B 73 -8.90 5.90 -4.38
N PHE B 74 -7.57 5.83 -4.46
CA PHE B 74 -6.73 6.04 -3.30
C PHE B 74 -6.67 7.55 -3.10
N MET B 75 -6.71 7.97 -1.84
CA MET B 75 -6.60 9.36 -1.48
C MET B 75 -5.19 9.55 -0.96
N THR B 76 -4.65 8.49 -0.36
CA THR B 76 -3.30 8.51 0.18
C THR B 76 -2.35 8.14 -0.97
N LYS B 77 -1.29 8.92 -1.18
CA LYS B 77 -0.34 8.62 -2.24
C LYS B 77 0.18 7.22 -1.99
N ILE B 78 0.51 6.51 -3.07
CA ILE B 78 1.02 5.18 -2.90
C ILE B 78 1.81 4.74 -4.14
N TYR B 79 2.91 4.03 -3.91
CA TYR B 79 3.79 3.54 -4.98
C TYR B 79 3.41 2.08 -5.22
N HIS B 80 2.57 1.84 -6.22
CA HIS B 80 2.12 0.49 -6.51
C HIS B 80 1.72 0.41 -7.96
N PRO B 81 2.16 -0.66 -8.67
CA PRO B 81 1.86 -0.86 -10.08
C PRO B 81 0.39 -0.84 -10.54
N ASN B 82 -0.57 -0.84 -9.61
CA ASN B 82 -1.96 -0.83 -10.03
C ASN B 82 -2.73 0.43 -9.63
N VAL B 83 -1.99 1.48 -9.33
CA VAL B 83 -2.56 2.77 -8.94
C VAL B 83 -1.79 3.88 -9.65
N ASP B 84 -2.48 4.87 -10.20
CA ASP B 84 -1.78 5.95 -10.87
C ASP B 84 -1.56 7.11 -9.89
N LYS B 85 -1.04 8.23 -10.38
CA LYS B 85 -0.77 9.41 -9.56
C LYS B 85 -2.03 10.04 -8.99
N LEU B 86 -3.13 9.93 -9.74
CA LEU B 86 -4.41 10.46 -9.32
C LEU B 86 -5.06 9.56 -8.28
N GLY B 87 -4.47 8.39 -8.06
CA GLY B 87 -5.01 7.47 -7.08
C GLY B 87 -5.95 6.43 -7.65
N ARG B 88 -6.14 6.44 -8.96
CA ARG B 88 -7.03 5.48 -9.58
C ARG B 88 -6.46 4.06 -9.59
N ILE B 89 -7.31 3.08 -9.32
CA ILE B 89 -6.92 1.69 -9.26
C ILE B 89 -7.22 0.97 -10.57
N CYS B 90 -6.22 0.27 -11.11
CA CYS B 90 -6.43 -0.47 -12.34
C CYS B 90 -6.69 -1.89 -11.92
N LEU B 91 -7.96 -2.27 -11.89
CA LEU B 91 -8.31 -3.61 -11.49
C LEU B 91 -9.38 -4.19 -12.40
N ASP B 92 -9.23 -5.46 -12.71
CA ASP B 92 -10.14 -6.20 -13.58
C ASP B 92 -11.60 -6.10 -13.16
N ILE B 93 -11.90 -6.61 -11.96
CA ILE B 93 -13.26 -6.61 -11.49
C ILE B 93 -13.93 -5.26 -11.43
N LEU B 94 -13.18 -4.19 -11.66
CA LEU B 94 -13.79 -2.86 -11.65
C LEU B 94 -13.99 -2.36 -13.08
N LYS B 95 -13.43 -3.09 -14.04
CA LYS B 95 -13.54 -2.71 -15.45
C LYS B 95 -14.52 -3.59 -16.22
N ASP B 96 -13.96 -4.54 -16.97
CA ASP B 96 -14.78 -5.42 -17.79
C ASP B 96 -15.21 -6.66 -17.04
N LYS B 97 -14.35 -7.15 -16.15
CA LYS B 97 -14.67 -8.35 -15.38
C LYS B 97 -15.63 -8.13 -14.21
N TRP B 98 -16.36 -7.02 -14.21
CA TRP B 98 -17.33 -6.79 -13.14
C TRP B 98 -18.67 -7.51 -13.45
N SER B 99 -19.44 -7.75 -12.40
CA SER B 99 -20.73 -8.43 -12.49
C SER B 99 -21.66 -7.93 -11.38
N PRO B 100 -22.96 -7.75 -11.69
CA PRO B 100 -23.92 -7.26 -10.68
C PRO B 100 -23.99 -8.16 -9.47
N ALA B 101 -23.26 -9.26 -9.51
CA ALA B 101 -23.24 -10.22 -8.42
C ALA B 101 -22.13 -9.90 -7.41
N LEU B 102 -21.11 -9.15 -7.85
CA LEU B 102 -20.02 -8.78 -6.96
C LEU B 102 -20.53 -7.69 -6.03
N GLN B 103 -19.83 -7.47 -4.93
CA GLN B 103 -20.25 -6.48 -3.95
C GLN B 103 -19.13 -5.56 -3.56
N ILE B 104 -19.44 -4.64 -2.65
CA ILE B 104 -18.49 -3.66 -2.16
C ILE B 104 -17.41 -4.41 -1.41
N ARG B 105 -17.84 -5.39 -0.62
CA ARG B 105 -16.91 -6.21 0.14
C ARG B 105 -15.95 -6.90 -0.83
N THR B 106 -16.46 -7.28 -1.99
CA THR B 106 -15.65 -7.94 -3.02
C THR B 106 -14.54 -7.02 -3.51
N VAL B 107 -14.87 -5.74 -3.70
CA VAL B 107 -13.92 -4.75 -4.16
C VAL B 107 -12.91 -4.47 -3.03
N LEU B 108 -13.41 -4.22 -1.82
CA LEU B 108 -12.53 -3.97 -0.69
C LEU B 108 -11.51 -5.10 -0.55
N LEU B 109 -11.97 -6.35 -0.61
CA LEU B 109 -11.06 -7.48 -0.48
C LEU B 109 -10.06 -7.55 -1.64
N SER B 110 -10.50 -7.27 -2.85
CA SER B 110 -9.60 -7.31 -3.99
C SER B 110 -8.44 -6.31 -3.86
N ILE B 111 -8.78 -5.05 -3.60
CA ILE B 111 -7.80 -3.98 -3.42
C ILE B 111 -6.79 -4.38 -2.35
N GLN B 112 -7.28 -4.91 -1.24
CA GLN B 112 -6.38 -5.31 -0.16
C GLN B 112 -5.41 -6.42 -0.52
N ALA B 113 -5.88 -7.38 -1.32
CA ALA B 113 -5.01 -8.48 -1.72
C ALA B 113 -3.96 -7.90 -2.65
N LEU B 114 -4.38 -6.91 -3.42
CA LEU B 114 -3.51 -6.24 -4.37
C LEU B 114 -2.34 -5.55 -3.67
N LEU B 115 -2.49 -5.27 -2.37
CA LEU B 115 -1.40 -4.64 -1.61
C LEU B 115 -0.46 -5.75 -1.11
N SER B 116 -1.04 -6.81 -0.54
CA SER B 116 -0.27 -7.94 -0.02
C SER B 116 0.54 -8.56 -1.14
N ALA B 117 0.12 -8.33 -2.38
CA ALA B 117 0.85 -8.88 -3.52
C ALA B 117 0.43 -8.28 -4.85
N PRO B 118 1.19 -7.27 -5.33
CA PRO B 118 0.94 -6.56 -6.59
C PRO B 118 0.81 -7.48 -7.79
N ASN B 119 -0.06 -7.10 -8.72
CA ASN B 119 -0.26 -7.87 -9.95
C ASN B 119 0.20 -7.00 -11.12
N PRO B 120 1.52 -6.99 -11.41
CA PRO B 120 2.12 -6.21 -12.50
C PRO B 120 1.60 -6.40 -13.93
N ASP B 121 0.28 -6.50 -14.09
CA ASP B 121 -0.37 -6.66 -15.40
C ASP B 121 -1.79 -7.24 -15.39
N ASP B 122 -2.78 -6.35 -15.51
CA ASP B 122 -4.19 -6.77 -15.53
C ASP B 122 -5.25 -5.75 -16.02
N PRO B 123 -4.86 -4.69 -16.74
CA PRO B 123 -3.54 -4.22 -17.21
C PRO B 123 -2.73 -3.58 -16.08
N LEU B 124 -2.06 -2.47 -16.37
CA LEU B 124 -1.26 -1.83 -15.34
C LEU B 124 -0.90 -0.37 -15.58
N ALA B 125 -0.73 0.37 -14.48
CA ALA B 125 -0.36 1.77 -14.54
C ALA B 125 1.08 1.83 -15.06
N ASN B 126 1.21 2.17 -16.35
CA ASN B 126 2.51 2.25 -17.03
C ASN B 126 3.74 2.19 -16.11
N ASP B 127 4.29 3.35 -15.79
CA ASP B 127 5.48 3.46 -14.95
C ASP B 127 5.73 2.29 -13.99
N VAL B 128 5.50 2.52 -12.70
CA VAL B 128 5.72 1.50 -11.68
C VAL B 128 5.53 0.06 -12.17
N ALA B 129 4.46 -0.18 -12.92
CA ALA B 129 4.17 -1.51 -13.46
C ALA B 129 5.41 -2.27 -13.90
N GLU B 130 6.21 -1.65 -14.77
CA GLU B 130 7.43 -2.26 -15.30
C GLU B 130 8.63 -2.17 -14.33
N GLN B 131 8.74 -1.05 -13.61
CA GLN B 131 9.84 -0.87 -12.68
C GLN B 131 9.80 -1.97 -11.64
N TRP B 132 8.60 -2.44 -11.36
CA TRP B 132 8.40 -3.50 -10.38
C TRP B 132 8.82 -4.81 -11.00
N LYS B 133 8.96 -4.81 -12.32
CA LYS B 133 9.36 -6.00 -13.06
C LYS B 133 10.87 -6.14 -13.10
N THR B 134 11.56 -5.09 -13.56
CA THR B 134 13.02 -5.13 -13.63
C THR B 134 13.69 -5.01 -12.27
N ASN B 135 13.66 -3.82 -11.68
CA ASN B 135 14.29 -3.61 -10.38
C ASN B 135 13.28 -3.77 -9.24
N GLU B 136 12.71 -4.96 -9.13
CA GLU B 136 11.73 -5.22 -8.09
C GLU B 136 12.23 -4.88 -6.68
N ALA B 137 13.54 -4.95 -6.47
CA ALA B 137 14.10 -4.63 -5.14
C ALA B 137 13.97 -3.14 -4.94
N GLN B 138 14.31 -2.41 -5.99
CA GLN B 138 14.25 -0.96 -6.01
C GLN B 138 12.80 -0.45 -5.88
N ALA B 139 11.91 -1.06 -6.64
CA ALA B 139 10.52 -0.69 -6.59
C ALA B 139 9.97 -0.83 -5.16
N ILE B 140 10.34 -1.92 -4.50
CA ILE B 140 9.87 -2.18 -3.15
C ILE B 140 10.40 -1.16 -2.13
N GLU B 141 11.68 -0.79 -2.21
CA GLU B 141 12.20 0.19 -1.24
C GLU B 141 11.52 1.53 -1.44
N THR B 142 11.24 1.87 -2.69
CA THR B 142 10.57 3.11 -3.02
C THR B 142 9.15 3.11 -2.43
N ALA B 143 8.51 1.94 -2.43
CA ALA B 143 7.15 1.81 -1.91
C ALA B 143 7.15 1.91 -0.41
N ARG B 144 8.19 1.36 0.22
CA ARG B 144 8.32 1.41 1.67
C ARG B 144 8.54 2.87 2.05
N ALA B 145 9.35 3.53 1.26
CA ALA B 145 9.66 4.92 1.50
C ALA B 145 8.38 5.75 1.42
N TRP B 146 7.60 5.53 0.37
CA TRP B 146 6.37 6.27 0.19
C TRP B 146 5.39 5.97 1.29
N THR B 147 5.40 4.75 1.80
CA THR B 147 4.49 4.38 2.87
C THR B 147 4.83 5.17 4.15
N ARG B 148 6.11 5.32 4.43
CA ARG B 148 6.54 6.06 5.61
C ARG B 148 6.26 7.55 5.41
N LEU B 149 6.42 8.02 4.18
CA LEU B 149 6.22 9.41 3.86
C LEU B 149 4.77 9.87 3.79
N TYR B 150 3.89 9.02 3.26
CA TYR B 150 2.49 9.41 3.08
C TYR B 150 1.42 8.70 3.89
N ALA B 151 1.73 7.55 4.46
CA ALA B 151 0.73 6.82 5.18
C ALA B 151 1.09 6.41 6.60
N MET B 152 1.80 7.28 7.31
CA MET B 152 2.22 6.99 8.69
C MET B 152 1.85 8.12 9.66
N ASN B 153 1.09 9.10 9.18
CA ASN B 153 0.66 10.22 10.01
C ASN B 153 -0.85 10.22 10.00
N ASN B 154 -1.40 9.04 9.77
CA ASN B 154 -2.85 8.80 9.65
C ASN B 154 -3.75 10.03 9.44
N ILE B 155 -3.44 10.81 8.41
CA ILE B 155 -4.21 12.02 8.08
C ILE B 155 -5.68 11.63 7.89
N GLN C 5 30.94 -3.13 10.20
CA GLN C 5 31.41 -3.79 11.44
C GLN C 5 31.00 -5.26 11.43
N GLY C 6 30.55 -5.72 10.26
CA GLY C 6 30.18 -7.11 10.08
C GLY C 6 31.37 -7.79 9.44
N TYR C 7 31.19 -8.34 8.25
CA TYR C 7 32.28 -9.00 7.52
C TYR C 7 32.57 -8.20 6.26
N ASP C 8 33.78 -7.64 6.15
CA ASP C 8 34.12 -6.83 4.96
C ASP C 8 35.10 -7.43 3.95
N VAL C 9 34.59 -8.35 3.14
CA VAL C 9 35.34 -9.02 2.08
C VAL C 9 34.25 -9.58 1.17
N GLU C 10 34.38 -9.34 -0.14
CA GLU C 10 33.37 -9.79 -1.07
C GLU C 10 33.21 -11.29 -1.25
N PHE C 11 31.97 -11.69 -1.52
CA PHE C 11 31.62 -13.08 -1.71
C PHE C 11 31.43 -13.32 -3.20
N ASP C 12 31.32 -14.59 -3.58
CA ASP C 12 31.12 -15.00 -4.96
C ASP C 12 30.39 -16.33 -4.99
N PRO C 13 29.07 -16.33 -5.20
CA PRO C 13 28.17 -15.19 -5.43
C PRO C 13 28.33 -14.02 -4.46
N PRO C 14 27.78 -12.85 -4.83
CA PRO C 14 27.82 -11.59 -4.07
C PRO C 14 27.30 -11.53 -2.64
N LEU C 15 26.57 -12.55 -2.18
CA LEU C 15 26.03 -12.58 -0.81
C LEU C 15 24.56 -12.19 -0.77
N GLU C 16 23.68 -13.18 -0.74
CA GLU C 16 22.25 -12.91 -0.71
C GLU C 16 21.90 -11.91 0.39
N SER C 17 21.01 -10.98 0.07
CA SER C 17 20.57 -9.93 0.98
C SER C 17 20.01 -10.38 2.33
N LYS C 18 19.93 -11.68 2.57
CA LYS C 18 19.42 -12.15 3.84
C LYS C 18 20.51 -12.15 4.93
N TYR C 19 21.76 -11.98 4.50
CA TYR C 19 22.89 -12.01 5.42
C TYR C 19 23.63 -10.69 5.63
N GLU C 20 23.08 -9.62 5.04
CA GLU C 20 23.67 -8.30 5.20
C GLU C 20 23.07 -7.65 6.43
N CYS C 21 23.94 -7.06 7.25
CA CYS C 21 23.54 -6.36 8.47
C CYS C 21 22.90 -5.03 8.11
N PRO C 22 21.62 -4.83 8.47
CA PRO C 22 20.93 -3.58 8.15
C PRO C 22 21.53 -2.31 8.76
N ILE C 23 22.64 -2.44 9.49
CA ILE C 23 23.27 -1.27 10.09
C ILE C 23 24.67 -0.96 9.54
N CYS C 24 25.32 -1.96 8.94
CA CYS C 24 26.67 -1.80 8.40
C CYS C 24 26.79 -2.34 6.98
N LEU C 25 25.66 -2.67 6.38
CA LEU C 25 25.65 -3.21 5.03
C LEU C 25 26.75 -4.25 4.90
N MET C 26 27.12 -4.83 6.02
CA MET C 26 28.16 -5.82 6.09
C MET C 26 27.57 -7.18 6.49
N ALA C 27 28.20 -8.27 6.07
CA ALA C 27 27.73 -9.61 6.40
C ALA C 27 27.43 -9.73 7.89
N LEU C 28 26.39 -10.49 8.22
CA LEU C 28 25.98 -10.65 9.61
C LEU C 28 26.95 -11.37 10.51
N ARG C 29 28.00 -10.69 10.93
CA ARG C 29 28.94 -11.31 11.85
C ARG C 29 28.14 -11.25 13.13
N GLU C 30 28.32 -12.22 14.02
CA GLU C 30 27.58 -12.26 15.29
C GLU C 30 26.20 -12.83 15.03
N ALA C 31 25.49 -12.19 14.11
CA ALA C 31 24.15 -12.58 13.69
C ALA C 31 23.20 -12.86 14.85
N VAL C 32 22.40 -11.88 15.21
CA VAL C 32 21.44 -12.06 16.28
C VAL C 32 20.07 -11.74 15.70
N GLN C 33 19.03 -12.20 16.35
CA GLN C 33 17.69 -11.95 15.87
C GLN C 33 16.86 -11.32 16.98
N THR C 34 15.85 -10.54 16.60
CA THR C 34 14.98 -9.87 17.55
C THR C 34 13.64 -10.58 17.67
N PRO C 35 12.80 -10.18 18.64
CA PRO C 35 11.50 -10.83 18.78
C PRO C 35 10.66 -10.66 17.52
N CYS C 36 11.05 -9.69 16.70
CA CYS C 36 10.33 -9.38 15.47
C CYS C 36 10.93 -10.02 14.20
N GLY C 37 11.83 -10.98 14.39
CA GLY C 37 12.43 -11.68 13.26
C GLY C 37 13.41 -10.91 12.38
N HIS C 38 14.20 -10.04 12.99
CA HIS C 38 15.15 -9.28 12.20
C HIS C 38 16.58 -9.57 12.63
N ARG C 39 17.49 -9.66 11.65
CA ARG C 39 18.89 -9.99 11.89
C ARG C 39 19.86 -8.83 11.83
N PHE C 40 20.81 -8.84 12.77
CA PHE C 40 21.85 -7.81 12.87
C PHE C 40 23.10 -8.36 13.54
N CYS C 41 24.17 -7.58 13.49
CA CYS C 41 25.42 -7.92 14.14
C CYS C 41 25.19 -7.48 15.58
N LYS C 42 25.51 -8.35 16.53
CA LYS C 42 25.37 -8.08 17.96
C LYS C 42 25.83 -6.67 18.31
N ALA C 43 26.96 -6.26 17.75
CA ALA C 43 27.50 -4.91 18.00
C ALA C 43 26.64 -3.82 17.36
N CYS C 44 26.33 -4.00 16.07
CA CYS C 44 25.51 -3.05 15.32
C CYS C 44 24.22 -2.71 16.06
N ILE C 45 23.47 -3.73 16.45
CA ILE C 45 22.20 -3.52 17.13
C ILE C 45 22.26 -3.01 18.57
N ILE C 46 23.23 -3.49 19.37
CA ILE C 46 23.35 -3.02 20.75
C ILE C 46 23.66 -1.53 20.73
N LYS C 47 24.55 -1.13 19.82
CA LYS C 47 24.90 0.27 19.65
C LYS C 47 23.58 0.99 19.39
N SER C 48 22.82 0.46 18.44
CA SER C 48 21.53 1.02 18.04
C SER C 48 20.52 1.14 19.18
N ILE C 49 20.56 0.21 20.14
CA ILE C 49 19.63 0.21 21.26
C ILE C 49 19.80 1.35 22.26
N ARG C 50 21.02 1.87 22.38
CA ARG C 50 21.25 2.96 23.32
C ARG C 50 21.40 4.32 22.62
N ASP C 51 22.20 4.36 21.55
CA ASP C 51 22.41 5.60 20.81
C ASP C 51 21.14 6.03 20.07
N ALA C 52 20.41 5.06 19.52
CA ALA C 52 19.19 5.32 18.77
C ALA C 52 17.92 5.10 19.57
N GLY C 53 17.86 4.02 20.34
CA GLY C 53 16.67 3.76 21.14
C GLY C 53 16.28 2.31 21.33
N HIS C 54 15.35 2.07 22.26
CA HIS C 54 14.88 0.72 22.54
C HIS C 54 13.78 0.36 21.54
N LYS C 55 14.17 0.32 20.27
CA LYS C 55 13.27 -0.01 19.19
C LYS C 55 14.10 -0.59 18.05
N CYS C 56 13.54 -1.59 17.37
CA CYS C 56 14.22 -2.24 16.25
C CYS C 56 14.42 -1.29 15.08
N PRO C 57 15.64 -1.23 14.53
CA PRO C 57 15.89 -0.34 13.40
C PRO C 57 15.17 -0.64 12.08
N VAL C 58 14.49 -1.79 11.98
CA VAL C 58 13.80 -2.09 10.73
C VAL C 58 12.28 -1.86 10.76
N ASP C 59 11.56 -2.44 11.73
CA ASP C 59 10.11 -2.26 11.81
C ASP C 59 9.69 -1.22 12.87
N ASN C 60 10.66 -0.81 13.68
CA ASN C 60 10.43 0.20 14.71
C ASN C 60 9.73 -0.28 15.97
N GLU C 61 9.45 -1.58 16.05
CA GLU C 61 8.83 -2.12 17.24
C GLU C 61 9.85 -2.00 18.38
N ILE C 62 9.38 -1.94 19.61
CA ILE C 62 10.28 -1.78 20.76
C ILE C 62 11.17 -2.98 21.00
N LEU C 63 12.43 -2.72 21.35
CA LEU C 63 13.40 -3.78 21.60
C LEU C 63 14.31 -3.44 22.77
N LEU C 64 14.56 -4.40 23.66
CA LEU C 64 15.44 -4.15 24.79
C LEU C 64 16.70 -5.00 24.73
N GLU C 65 17.85 -4.32 24.82
CA GLU C 65 19.16 -4.96 24.77
C GLU C 65 19.09 -6.45 25.04
N ASN C 66 18.65 -6.83 26.23
CA ASN C 66 18.54 -8.24 26.55
C ASN C 66 17.31 -8.81 25.90
N GLN C 67 17.38 -9.00 24.58
CA GLN C 67 16.29 -9.55 23.81
C GLN C 67 16.82 -10.17 22.51
N LEU C 68 18.14 -10.26 22.39
CA LEU C 68 18.74 -10.82 21.20
C LEU C 68 18.75 -12.35 21.20
N PHE C 69 19.61 -12.99 20.40
CA PHE C 69 19.60 -14.45 20.36
C PHE C 69 20.90 -15.23 20.63
N PRO C 70 21.80 -15.38 19.65
CA PRO C 70 21.92 -14.97 18.25
C PRO C 70 21.57 -16.09 17.26
N ASP C 71 21.43 -15.71 15.99
CA ASP C 71 21.08 -16.62 14.91
C ASP C 71 22.25 -17.49 14.44
N ASN C 72 22.62 -18.49 15.23
CA ASN C 72 23.71 -19.37 14.84
C ASN C 72 23.42 -20.12 13.55
N PHE C 73 22.15 -20.45 13.33
CA PHE C 73 21.77 -21.17 12.11
C PHE C 73 22.23 -20.31 10.95
N ALA C 74 21.99 -19.01 11.08
CA ALA C 74 22.37 -18.05 10.05
C ALA C 74 23.89 -17.93 10.02
N LYS C 75 24.54 -18.10 11.18
CA LYS C 75 26.00 -18.00 11.21
C LYS C 75 26.61 -19.09 10.35
N ARG C 76 26.17 -20.32 10.56
CA ARG C 76 26.67 -21.42 9.76
C ARG C 76 26.44 -21.11 8.27
N GLU C 77 25.25 -20.62 7.95
CA GLU C 77 24.90 -20.27 6.58
C GLU C 77 25.91 -19.28 6.01
N ILE C 78 26.19 -18.23 6.79
CA ILE C 78 27.12 -17.18 6.39
C ILE C 78 28.55 -17.69 6.32
N LEU C 79 29.01 -18.29 7.41
CA LEU C 79 30.37 -18.86 7.50
C LEU C 79 30.53 -20.11 6.66
N SER C 80 29.74 -20.23 5.60
CA SER C 80 29.82 -21.37 4.70
C SER C 80 29.75 -20.80 3.29
N LEU C 81 29.67 -19.48 3.21
CA LEU C 81 29.59 -18.77 1.95
C LEU C 81 31.01 -18.61 1.38
N MET C 82 31.11 -18.39 0.07
CA MET C 82 32.41 -18.24 -0.61
C MET C 82 32.97 -16.81 -0.66
N VAL C 83 34.19 -16.64 -0.13
CA VAL C 83 34.83 -15.32 -0.14
C VAL C 83 35.97 -15.25 -1.15
N LYS C 84 35.99 -14.15 -1.90
CA LYS C 84 37.00 -13.92 -2.92
C LYS C 84 38.10 -13.02 -2.38
N CYS C 85 39.11 -13.65 -1.75
CA CYS C 85 40.28 -13.00 -1.16
C CYS C 85 40.63 -11.60 -1.70
N PRO C 86 41.08 -10.69 -0.82
CA PRO C 86 41.46 -9.30 -1.13
C PRO C 86 42.92 -8.97 -1.51
N ASN C 87 43.12 -7.74 -2.01
CA ASN C 87 44.42 -7.21 -2.43
C ASN C 87 45.22 -8.20 -3.28
N GLU C 88 45.13 -8.07 -4.61
CA GLU C 88 45.80 -8.97 -5.54
C GLU C 88 45.53 -10.39 -5.04
N GLY C 89 46.43 -10.86 -4.20
CA GLY C 89 46.30 -12.17 -3.58
C GLY C 89 45.90 -13.37 -4.40
N CYS C 90 45.76 -14.48 -3.69
CA CYS C 90 45.39 -15.78 -4.26
C CYS C 90 43.96 -15.78 -4.78
N LEU C 91 43.80 -15.43 -6.05
CA LEU C 91 42.48 -15.43 -6.65
C LEU C 91 41.92 -16.85 -6.60
N HIS C 92 41.46 -17.23 -5.42
CA HIS C 92 40.88 -18.54 -5.16
C HIS C 92 39.80 -18.42 -4.07
N LYS C 93 38.66 -19.05 -4.31
CA LYS C 93 37.55 -19.00 -3.37
C LYS C 93 37.89 -19.69 -2.06
N MET C 94 36.85 -20.04 -1.29
CA MET C 94 37.00 -20.70 0.00
C MET C 94 35.78 -20.39 0.87
N GLU C 95 35.48 -21.26 1.84
CA GLU C 95 34.35 -21.02 2.73
C GLU C 95 34.74 -19.85 3.62
N LEU C 96 33.82 -18.93 3.89
CA LEU C 96 34.12 -17.77 4.73
C LEU C 96 34.98 -18.19 5.92
N ARG C 97 34.70 -19.38 6.43
CA ARG C 97 35.45 -19.92 7.55
C ARG C 97 36.88 -20.20 7.11
N HIS C 98 37.03 -20.78 5.92
CA HIS C 98 38.33 -21.12 5.37
C HIS C 98 39.08 -19.95 4.74
N LEU C 99 38.99 -18.80 5.39
CA LEU C 99 39.70 -17.60 4.97
C LEU C 99 40.63 -17.46 6.15
N GLU C 100 41.10 -16.26 6.45
CA GLU C 100 41.98 -16.05 7.59
C GLU C 100 43.22 -16.96 7.57
N ASP C 101 43.00 -18.27 7.61
CA ASP C 101 44.11 -19.22 7.57
C ASP C 101 44.82 -19.10 6.23
N HIS C 102 44.06 -18.78 5.20
CA HIS C 102 44.62 -18.59 3.87
C HIS C 102 45.17 -17.17 3.87
N GLN C 103 44.96 -16.50 5.00
CA GLN C 103 45.41 -15.13 5.22
C GLN C 103 46.68 -15.17 6.09
N ALA C 104 46.86 -16.26 6.83
CA ALA C 104 48.04 -16.42 7.69
C ALA C 104 49.15 -17.07 6.86
N HIS C 105 48.74 -17.67 5.74
CA HIS C 105 49.66 -18.33 4.82
C HIS C 105 49.56 -17.67 3.45
N CYS C 106 49.44 -16.35 3.45
CA CYS C 106 49.34 -15.58 2.21
C CYS C 106 50.73 -15.13 1.75
N GLU C 107 50.78 -14.55 0.57
CA GLU C 107 52.05 -14.09 0.00
C GLU C 107 51.90 -12.73 -0.68
N PHE C 108 51.04 -11.89 -0.11
CA PHE C 108 50.79 -10.55 -0.63
C PHE C 108 50.68 -9.56 0.53
N ALA D 5 39.92 10.95 3.32
CA ALA D 5 40.58 10.43 4.56
C ALA D 5 39.96 9.09 4.97
N GLY D 6 40.30 8.62 6.17
CA GLY D 6 39.76 7.36 6.65
C GLY D 6 38.31 7.51 7.05
N LEU D 7 37.41 7.27 6.09
CA LEU D 7 35.97 7.38 6.29
C LEU D 7 35.33 6.02 6.50
N PRO D 8 34.41 5.89 7.48
CA PRO D 8 33.74 4.60 7.75
C PRO D 8 33.41 3.81 6.49
N ARG D 9 33.47 2.48 6.62
CA ARG D 9 33.18 1.56 5.52
C ARG D 9 31.71 1.67 5.05
N ARG D 10 30.79 1.80 6.01
CA ARG D 10 29.38 1.93 5.65
C ARG D 10 29.17 3.10 4.69
N ILE D 11 29.73 4.25 5.02
CA ILE D 11 29.58 5.40 4.15
C ILE D 11 30.27 5.15 2.81
N ILE D 12 31.44 4.51 2.87
CA ILE D 12 32.24 4.20 1.69
C ILE D 12 31.49 3.27 0.74
N LYS D 13 30.92 2.21 1.32
CA LYS D 13 30.17 1.23 0.55
C LYS D 13 28.87 1.83 0.01
N GLU D 14 28.11 2.49 0.88
CA GLU D 14 26.85 3.09 0.44
C GLU D 14 27.04 4.08 -0.70
N THR D 15 28.16 4.81 -0.68
CA THR D 15 28.46 5.79 -1.72
C THR D 15 28.62 5.12 -3.08
N GLN D 16 29.38 4.03 -3.11
CA GLN D 16 29.63 3.29 -4.36
C GLN D 16 28.35 2.90 -5.04
N ARG D 17 27.41 2.40 -4.24
CA ARG D 17 26.11 1.94 -4.71
C ARG D 17 25.27 3.03 -5.38
N LEU D 18 25.31 4.24 -4.82
CA LEU D 18 24.54 5.35 -5.37
C LEU D 18 25.11 5.78 -6.71
N LEU D 19 26.43 5.97 -6.73
CA LEU D 19 27.12 6.37 -7.95
C LEU D 19 26.94 5.25 -8.96
N ALA D 20 26.86 4.02 -8.46
CA ALA D 20 26.71 2.83 -9.30
C ALA D 20 25.31 2.77 -9.89
N GLU D 21 24.32 2.69 -9.01
CA GLU D 21 22.94 2.61 -9.43
C GLU D 21 22.19 3.86 -8.94
N PRO D 22 22.48 5.01 -9.58
CA PRO D 22 21.87 6.30 -9.24
C PRO D 22 20.35 6.29 -9.26
N VAL D 23 19.73 7.03 -8.35
CA VAL D 23 18.28 7.11 -8.28
C VAL D 23 17.80 7.95 -9.46
N PRO D 24 16.73 7.50 -10.14
CA PRO D 24 16.22 8.25 -11.29
C PRO D 24 15.80 9.68 -10.92
N GLY D 25 16.19 10.63 -11.77
CA GLY D 25 15.84 12.02 -11.53
C GLY D 25 16.70 12.70 -10.48
N ILE D 26 17.67 11.97 -9.95
CA ILE D 26 18.54 12.51 -8.92
C ILE D 26 20.02 12.27 -9.23
N LYS D 27 20.83 13.31 -9.05
CA LYS D 27 22.25 13.23 -9.30
C LYS D 27 22.91 13.63 -8.00
N ALA D 28 23.79 12.79 -7.48
CA ALA D 28 24.46 13.10 -6.23
C ALA D 28 25.87 12.53 -6.15
N GLU D 29 26.84 13.39 -5.86
CA GLU D 29 28.23 12.99 -5.75
C GLU D 29 28.82 13.49 -4.44
N PRO D 30 29.83 12.79 -3.90
CA PRO D 30 30.45 13.23 -2.64
C PRO D 30 31.25 14.52 -2.88
N ASP D 31 31.58 15.24 -1.82
CA ASP D 31 32.37 16.45 -2.00
C ASP D 31 33.80 16.02 -2.31
N GLU D 32 34.36 16.58 -3.38
CA GLU D 32 35.72 16.28 -3.79
C GLU D 32 36.72 16.73 -2.72
N SER D 33 36.19 17.20 -1.59
CA SER D 33 37.02 17.70 -0.49
C SER D 33 36.62 17.15 0.88
N ASN D 34 35.48 16.44 0.94
CA ASN D 34 35.01 15.88 2.20
C ASN D 34 33.82 14.96 1.93
N ALA D 35 34.07 13.65 1.91
CA ALA D 35 33.03 12.64 1.65
C ALA D 35 31.75 12.74 2.47
N ARG D 36 31.83 13.30 3.68
CA ARG D 36 30.64 13.44 4.51
C ARG D 36 29.66 14.44 3.92
N TYR D 37 30.10 15.14 2.88
CA TYR D 37 29.28 16.13 2.18
C TYR D 37 28.89 15.62 0.80
N PHE D 38 27.65 15.91 0.40
CA PHE D 38 27.17 15.47 -0.90
C PHE D 38 26.53 16.63 -1.65
N HIS D 39 26.72 16.63 -2.97
CA HIS D 39 26.16 17.66 -3.85
C HIS D 39 25.03 16.99 -4.62
N VAL D 40 23.80 17.30 -4.23
CA VAL D 40 22.61 16.72 -4.85
C VAL D 40 21.89 17.66 -5.79
N VAL D 41 21.41 17.09 -6.90
CA VAL D 41 20.65 17.85 -7.88
C VAL D 41 19.43 17.00 -8.13
N ILE D 42 18.25 17.56 -7.88
CA ILE D 42 17.02 16.82 -8.08
C ILE D 42 16.19 17.54 -9.10
N ALA D 43 15.80 16.82 -10.15
CA ALA D 43 14.98 17.38 -11.22
C ALA D 43 13.52 17.45 -10.78
N GLY D 44 12.90 18.61 -10.95
CA GLY D 44 11.52 18.77 -10.55
C GLY D 44 10.60 17.76 -11.18
N PRO D 45 9.83 17.01 -10.38
CA PRO D 45 8.90 15.98 -10.87
C PRO D 45 7.98 16.53 -11.94
N GLN D 46 7.50 15.66 -12.83
CA GLN D 46 6.58 16.09 -13.88
C GLN D 46 5.16 16.15 -13.33
N ASP D 47 4.36 17.04 -13.90
CA ASP D 47 2.99 17.19 -13.45
C ASP D 47 2.96 17.95 -12.12
N SER D 48 4.12 18.07 -11.48
CA SER D 48 4.25 18.76 -10.21
C SER D 48 4.48 20.23 -10.51
N PRO D 49 4.23 21.11 -9.52
CA PRO D 49 4.43 22.55 -9.74
C PRO D 49 5.89 22.90 -10.03
N PHE D 50 6.80 22.00 -9.72
CA PHE D 50 8.22 22.26 -9.94
C PHE D 50 8.70 21.63 -11.23
N GLU D 51 7.75 21.35 -12.11
CA GLU D 51 8.05 20.75 -13.40
C GLU D 51 9.00 21.62 -14.19
N GLY D 52 10.09 21.05 -14.66
CA GLY D 52 11.04 21.79 -15.45
C GLY D 52 12.08 22.62 -14.70
N GLY D 53 12.43 22.22 -13.49
CA GLY D 53 13.41 22.96 -12.73
C GLY D 53 14.50 22.06 -12.20
N THR D 54 15.70 22.60 -12.01
CA THR D 54 16.78 21.79 -11.48
C THR D 54 17.14 22.33 -10.09
N PHE D 55 16.93 21.49 -9.06
CA PHE D 55 17.16 21.93 -7.69
C PHE D 55 18.44 21.37 -7.07
N LYS D 56 19.18 22.23 -6.38
CA LYS D 56 20.40 21.77 -5.74
C LYS D 56 20.20 21.64 -4.23
N LEU D 57 20.72 20.56 -3.66
CA LEU D 57 20.62 20.37 -2.22
C LEU D 57 21.98 19.94 -1.72
N GLU D 58 22.22 20.15 -0.43
CA GLU D 58 23.47 19.75 0.17
C GLU D 58 23.11 18.76 1.27
N LEU D 59 23.67 17.56 1.17
CA LEU D 59 23.42 16.51 2.15
C LEU D 59 24.73 16.28 2.90
N PHE D 60 24.66 16.28 4.23
CA PHE D 60 25.85 16.05 5.05
C PHE D 60 25.59 14.92 6.05
N LEU D 61 26.58 14.06 6.22
CA LEU D 61 26.48 12.91 7.12
C LEU D 61 27.20 13.13 8.45
N PRO D 62 26.46 13.37 9.55
CA PRO D 62 27.09 13.58 10.85
C PRO D 62 28.01 12.41 11.24
N GLU D 63 28.78 12.61 12.30
CA GLU D 63 29.72 11.59 12.80
C GLU D 63 28.97 10.36 13.31
N GLU D 64 27.84 10.60 13.97
CA GLU D 64 27.03 9.53 14.53
C GLU D 64 26.19 8.75 13.50
N TYR D 65 26.29 9.11 12.21
CA TYR D 65 25.55 8.40 11.17
C TYR D 65 26.15 6.99 11.09
N PRO D 66 25.34 5.94 10.80
CA PRO D 66 23.91 5.96 10.53
C PRO D 66 22.99 5.97 11.74
N MET D 67 23.55 6.22 12.92
CA MET D 67 22.71 6.28 14.13
C MET D 67 21.90 7.57 14.07
N ALA D 68 22.56 8.65 13.66
CA ALA D 68 21.92 9.96 13.52
C ALA D 68 21.61 10.19 12.03
N ALA D 69 20.54 10.92 11.77
CA ALA D 69 20.10 11.18 10.40
C ALA D 69 20.96 12.12 9.59
N PRO D 70 20.94 11.99 8.25
CA PRO D 70 21.74 12.84 7.37
C PRO D 70 21.05 14.20 7.30
N LYS D 71 21.78 15.28 7.47
CA LYS D 71 21.14 16.59 7.37
C LYS D 71 21.10 17.02 5.90
N VAL D 72 19.93 17.44 5.43
CA VAL D 72 19.78 17.86 4.04
C VAL D 72 19.16 19.24 3.97
N ARG D 73 19.53 19.98 2.94
CA ARG D 73 19.03 21.33 2.76
C ARG D 73 18.99 21.70 1.29
N PHE D 74 17.97 22.44 0.90
CA PHE D 74 17.86 22.90 -0.49
C PHE D 74 18.77 24.12 -0.58
N MET D 75 19.42 24.23 -1.73
CA MET D 75 20.32 25.33 -2.01
C MET D 75 19.52 26.27 -2.89
N THR D 76 18.70 25.67 -3.74
CA THR D 76 17.85 26.41 -4.67
C THR D 76 16.59 26.81 -3.94
N LYS D 77 16.24 28.09 -3.99
CA LYS D 77 15.03 28.56 -3.35
C LYS D 77 13.87 27.71 -3.88
N ILE D 78 12.84 27.50 -3.07
CA ILE D 78 11.70 26.72 -3.51
C ILE D 78 10.50 27.00 -2.63
N TYR D 79 9.32 27.05 -3.22
CA TYR D 79 8.11 27.28 -2.45
C TYR D 79 7.42 25.93 -2.33
N HIS D 80 7.57 25.36 -1.15
CA HIS D 80 7.01 24.04 -0.87
C HIS D 80 6.77 23.98 0.62
N PRO D 81 5.63 23.44 1.04
CA PRO D 81 5.23 23.31 2.45
C PRO D 81 6.18 22.54 3.36
N ASN D 82 7.15 21.83 2.79
CA ASN D 82 8.10 21.07 3.59
C ASN D 82 9.51 21.64 3.66
N VAL D 83 9.71 22.87 3.17
CA VAL D 83 11.03 23.50 3.27
C VAL D 83 10.88 24.94 3.67
N ASP D 84 11.81 25.42 4.48
CA ASP D 84 11.80 26.80 4.98
C ASP D 84 12.58 27.70 4.04
N LYS D 85 12.70 28.98 4.43
CA LYS D 85 13.44 29.97 3.65
C LYS D 85 14.92 29.64 3.63
N LEU D 86 15.39 28.98 4.69
CA LEU D 86 16.80 28.64 4.76
C LEU D 86 17.08 27.40 3.93
N GLY D 87 16.02 26.80 3.42
CA GLY D 87 16.17 25.61 2.60
C GLY D 87 16.11 24.31 3.37
N ARG D 88 15.84 24.38 4.67
CA ARG D 88 15.75 23.18 5.50
C ARG D 88 14.49 22.37 5.19
N ILE D 89 14.65 21.05 5.16
CA ILE D 89 13.56 20.12 4.86
C ILE D 89 12.89 19.62 6.14
N CYS D 90 11.58 19.73 6.25
CA CYS D 90 10.86 19.24 7.41
C CYS D 90 10.32 17.87 7.04
N LEU D 91 11.05 16.82 7.39
CA LEU D 91 10.61 15.48 7.06
C LEU D 91 10.76 14.52 8.24
N ASP D 92 9.75 13.68 8.47
CA ASP D 92 9.79 12.72 9.55
C ASP D 92 11.01 11.81 9.54
N ILE D 93 11.25 11.11 8.45
CA ILE D 93 12.40 10.21 8.36
C ILE D 93 13.74 10.86 8.72
N LEU D 94 13.81 12.19 8.76
CA LEU D 94 15.07 12.84 9.11
C LEU D 94 15.08 13.37 10.54
N LYS D 95 13.95 13.21 11.23
CA LYS D 95 13.80 13.69 12.60
C LYS D 95 13.72 12.52 13.58
N ASP D 96 12.53 12.25 14.10
CA ASP D 96 12.37 11.15 15.04
C ASP D 96 12.14 9.79 14.36
N LYS D 97 11.51 9.78 13.20
CA LYS D 97 11.26 8.52 12.51
C LYS D 97 12.45 7.97 11.70
N TRP D 98 13.66 8.38 12.08
CA TRP D 98 14.88 7.91 11.42
C TRP D 98 15.33 6.59 12.05
N SER D 99 16.14 5.82 11.34
CA SER D 99 16.65 4.53 11.80
C SER D 99 17.95 4.19 11.10
N PRO D 100 18.93 3.64 11.84
CA PRO D 100 20.23 3.28 11.27
C PRO D 100 20.11 2.36 10.06
N ALA D 101 18.88 1.95 9.75
CA ALA D 101 18.61 1.04 8.64
C ALA D 101 18.32 1.78 7.34
N LEU D 102 17.89 3.03 7.48
CA LEU D 102 17.59 3.87 6.32
C LEU D 102 18.92 4.28 5.70
N GLN D 103 18.89 4.75 4.47
CA GLN D 103 20.11 5.15 3.81
C GLN D 103 19.97 6.46 3.08
N ILE D 104 21.04 6.94 2.49
CA ILE D 104 21.02 8.18 1.75
C ILE D 104 20.04 8.06 0.60
N ARG D 105 20.02 6.89 -0.03
CA ARG D 105 19.12 6.59 -1.14
C ARG D 105 17.69 6.81 -0.65
N THR D 106 17.44 6.39 0.58
CA THR D 106 16.15 6.50 1.22
C THR D 106 15.72 7.96 1.35
N VAL D 107 16.66 8.83 1.73
CA VAL D 107 16.36 10.24 1.89
C VAL D 107 16.15 10.89 0.53
N LEU D 108 17.04 10.58 -0.40
CA LEU D 108 16.94 11.11 -1.77
C LEU D 108 15.56 10.81 -2.34
N LEU D 109 15.11 9.57 -2.20
CA LEU D 109 13.80 9.17 -2.68
C LEU D 109 12.66 9.89 -1.98
N SER D 110 12.75 10.03 -0.67
CA SER D 110 11.69 10.70 0.08
C SER D 110 11.49 12.15 -0.34
N ILE D 111 12.58 12.90 -0.41
CA ILE D 111 12.54 14.30 -0.78
C ILE D 111 11.91 14.46 -2.14
N GLN D 112 12.28 13.58 -3.07
CA GLN D 112 11.75 13.63 -4.43
C GLN D 112 10.26 13.33 -4.53
N ALA D 113 9.77 12.42 -3.69
CA ALA D 113 8.35 12.11 -3.73
C ALA D 113 7.64 13.31 -3.18
N LEU D 114 8.31 13.98 -2.24
CA LEU D 114 7.77 15.15 -1.59
C LEU D 114 7.55 16.29 -2.59
N LEU D 115 8.26 16.26 -3.71
CA LEU D 115 8.04 17.28 -4.73
C LEU D 115 6.86 16.86 -5.60
N SER D 116 6.85 15.61 -6.02
CA SER D 116 5.77 15.11 -6.85
C SER D 116 4.44 15.24 -6.11
N ALA D 117 4.50 15.36 -4.78
CA ALA D 117 3.27 15.49 -4.02
C ALA D 117 3.52 15.91 -2.57
N PRO D 118 3.43 17.20 -2.30
CA PRO D 118 3.63 17.80 -0.97
C PRO D 118 2.79 17.16 0.13
N ASN D 119 3.35 17.07 1.33
CA ASN D 119 2.61 16.52 2.46
C ASN D 119 2.46 17.65 3.48
N PRO D 120 1.38 18.44 3.34
CA PRO D 120 1.03 19.58 4.20
C PRO D 120 0.86 19.34 5.70
N ASP D 121 1.69 18.47 6.30
CA ASP D 121 1.65 18.17 7.74
C ASP D 121 2.39 16.91 8.17
N ASP D 122 3.61 17.07 8.70
CA ASP D 122 4.39 15.93 9.19
C ASP D 122 5.64 16.20 10.05
N PRO D 123 5.76 17.40 10.68
CA PRO D 123 4.88 18.59 10.70
C PRO D 123 5.07 19.41 9.43
N LEU D 124 5.16 20.73 9.57
CA LEU D 124 5.32 21.55 8.38
C LEU D 124 5.82 22.96 8.60
N ALA D 125 6.47 23.47 7.56
CA ALA D 125 7.00 24.82 7.56
C ALA D 125 5.81 25.77 7.59
N ASN D 126 5.52 26.32 8.77
CA ASN D 126 4.43 27.26 9.00
C ASN D 126 3.75 27.76 7.73
N ASP D 127 4.16 28.96 7.30
CA ASP D 127 3.63 29.61 6.10
C ASP D 127 3.03 28.66 5.07
N VAL D 128 3.77 28.47 3.98
CA VAL D 128 3.38 27.60 2.87
C VAL D 128 2.41 26.52 3.28
N ALA D 129 2.82 25.78 4.30
CA ALA D 129 2.05 24.67 4.84
C ALA D 129 0.54 24.86 4.75
N GLU D 130 0.03 25.91 5.38
CA GLU D 130 -1.42 26.16 5.36
C GLU D 130 -1.91 26.84 4.09
N GLN D 131 -1.07 27.67 3.48
CA GLN D 131 -1.43 28.36 2.25
C GLN D 131 -1.74 27.35 1.15
N TRP D 132 -1.06 26.20 1.26
CA TRP D 132 -1.22 25.12 0.31
C TRP D 132 -2.53 24.40 0.63
N LYS D 133 -3.05 24.65 1.83
CA LYS D 133 -4.31 24.05 2.26
C LYS D 133 -5.52 24.84 1.80
N THR D 134 -5.53 26.13 2.08
CA THR D 134 -6.66 26.95 1.70
C THR D 134 -6.64 27.30 0.21
N ASN D 135 -5.70 28.13 -0.22
CA ASN D 135 -5.64 28.50 -1.64
C ASN D 135 -4.66 27.61 -2.40
N GLU D 136 -4.92 26.30 -2.41
CA GLU D 136 -4.03 25.37 -3.10
C GLU D 136 -3.75 25.73 -4.55
N ALA D 137 -4.67 26.42 -5.21
CA ALA D 137 -4.46 26.80 -6.60
C ALA D 137 -3.42 27.92 -6.62
N GLN D 138 -3.58 28.85 -5.68
CA GLN D 138 -2.66 29.98 -5.56
C GLN D 138 -1.26 29.50 -5.17
N ALA D 139 -1.22 28.59 -4.21
CA ALA D 139 0.04 28.02 -3.75
C ALA D 139 0.82 27.42 -4.92
N ILE D 140 0.13 26.63 -5.74
CA ILE D 140 0.75 26.00 -6.90
C ILE D 140 1.30 26.99 -7.93
N GLU D 141 0.54 28.04 -8.24
CA GLU D 141 1.02 29.05 -9.21
C GLU D 141 2.28 29.73 -8.70
N THR D 142 2.32 29.96 -7.39
CA THR D 142 3.45 30.62 -6.74
C THR D 142 4.67 29.71 -6.86
N ALA D 143 4.43 28.42 -6.67
CA ALA D 143 5.50 27.44 -6.76
C ALA D 143 6.04 27.34 -8.19
N ARG D 144 5.13 27.39 -9.17
CA ARG D 144 5.57 27.33 -10.56
C ARG D 144 6.39 28.58 -10.84
N ALA D 145 5.90 29.70 -10.33
CA ALA D 145 6.60 30.97 -10.52
C ALA D 145 8.00 30.90 -9.93
N TRP D 146 8.10 30.41 -8.70
CA TRP D 146 9.40 30.30 -8.05
C TRP D 146 10.30 29.32 -8.77
N THR D 147 9.73 28.26 -9.34
CA THR D 147 10.57 27.30 -10.07
C THR D 147 11.16 27.95 -11.33
N ARG D 148 10.35 28.75 -12.03
CA ARG D 148 10.85 29.42 -13.24
C ARG D 148 11.87 30.50 -12.86
N LEU D 149 11.65 31.11 -11.70
CA LEU D 149 12.51 32.18 -11.21
C LEU D 149 13.86 31.73 -10.62
N TYR D 150 13.86 30.63 -9.87
CA TYR D 150 15.11 30.17 -9.25
C TYR D 150 15.68 28.82 -9.68
N ALA D 151 14.93 28.05 -10.45
CA ALA D 151 15.42 26.72 -10.84
C ALA D 151 15.41 26.41 -12.34
N MET D 152 15.62 27.43 -13.17
CA MET D 152 15.61 27.21 -14.61
C MET D 152 16.86 27.78 -15.30
N ASN D 153 17.84 28.18 -14.50
CA ASN D 153 19.07 28.72 -15.05
C ASN D 153 20.23 27.78 -14.74
#